data_4HGS
#
_entry.id   4HGS
#
_cell.length_a   57.00
_cell.length_b   57.00
_cell.length_c   223.59
_cell.angle_alpha   90
_cell.angle_beta   90
_cell.angle_gamma   120
#
_symmetry.space_group_name_H-M   'P 31 2 1'
#
loop_
_entity.id
_entity.type
_entity.pdbx_description
1 polymer 'Casein kinase I isoform gamma-3'
2 non-polymer 2-{2-[(3,4-difluorophenoxy)methyl]-5-methoxypyridin-4-yl}-1,5,6,7-tetrahydro-4H-pyrrolo[3,2-c]pyridin-4-one
3 water water
#
_entity_poly.entity_id   1
_entity_poly.type   'polypeptide(L)'
_entity_poly.pdbx_seq_one_letter_code
;GSGVLMVGPNFRVGKKIGCGNFGELRLGKNLYTNEYVAIKLEPMKSRAPQLHLEYRFYKQLGSGDGIPQVYYFGPCGKYN
AMVLELLGPSLEDLFDLCDRTFSLKTVLMIAIQLISRMEYVHSKNLIYRDVKPENFLIGRPGNKTQQVIHIIDFGLAKEY
IDPETKKHIPYREHKSLTGTARYMSINTHLGKEQSRRDDLEALGHMFMYFLRGSLPWQGLKADTLKERYQKIGDTKRATP
IEVLCENFPEMATYLRYVRRLDFFEKPDYDYLRKLFTDLFDRKGYMFDYEYDWIGKQLPTPVGAVQQDPALSSNREAHQH
RDKMQQSKNQ
;
_entity_poly.pdbx_strand_id   A
#
# COMPACT_ATOMS: atom_id res chain seq x y z
N GLY A 1 -36.69 11.76 9.33
CA GLY A 1 -36.31 13.18 9.54
C GLY A 1 -35.71 13.79 8.29
N SER A 2 -34.41 14.07 8.31
CA SER A 2 -33.76 14.69 7.16
C SER A 2 -33.43 13.63 6.11
N GLY A 3 -33.13 12.43 6.58
CA GLY A 3 -32.80 11.36 5.64
C GLY A 3 -31.37 11.50 5.16
N VAL A 4 -30.60 12.41 5.75
CA VAL A 4 -29.21 12.54 5.32
C VAL A 4 -28.23 12.08 6.40
N LEU A 5 -27.26 11.30 5.99
CA LEU A 5 -26.25 10.79 6.90
C LEU A 5 -25.15 11.79 7.17
N MET A 6 -24.89 12.01 8.44
CA MET A 6 -23.86 12.92 8.86
C MET A 6 -22.87 12.15 9.70
N VAL A 7 -21.61 12.51 9.61
CA VAL A 7 -20.58 11.87 10.41
C VAL A 7 -20.05 13.03 11.22
N GLY A 8 -20.09 12.91 12.53
CA GLY A 8 -19.61 13.98 13.38
C GLY A 8 -20.51 15.19 13.25
N PRO A 9 -19.97 16.38 13.50
CA PRO A 9 -20.73 17.64 13.42
C PRO A 9 -20.85 18.25 12.01
N ASN A 10 -19.86 18.01 11.15
CA ASN A 10 -19.84 18.63 9.85
C ASN A 10 -19.68 17.79 8.58
N PHE A 11 -19.57 16.48 8.70
CA PHE A 11 -19.37 15.66 7.51
C PHE A 11 -20.59 15.00 6.90
N ARG A 12 -21.03 15.53 5.78
CA ARG A 12 -22.17 14.98 5.05
C ARG A 12 -21.61 13.76 4.32
N VAL A 13 -22.32 12.64 4.41
CA VAL A 13 -21.93 11.38 3.78
C VAL A 13 -22.48 11.28 2.35
N GLY A 14 -21.60 11.06 1.39
CA GLY A 14 -22.04 10.99 0.01
C GLY A 14 -22.12 9.64 -0.66
N LYS A 15 -22.17 9.66 -1.99
CA LYS A 15 -22.26 8.43 -2.77
C LYS A 15 -21.07 7.54 -2.45
N LYS A 16 -21.24 6.24 -2.60
CA LYS A 16 -20.09 5.42 -2.34
C LYS A 16 -19.28 5.39 -3.61
N ILE A 17 -17.97 5.46 -3.44
CA ILE A 17 -17.05 5.53 -4.54
C ILE A 17 -16.09 4.35 -4.60
N GLY A 18 -15.29 4.32 -5.65
CA GLY A 18 -14.33 3.23 -5.83
C GLY A 18 -15.01 1.93 -6.19
N CYS A 19 -14.19 0.91 -6.44
CA CYS A 19 -14.67 -0.42 -6.80
C CYS A 19 -14.41 -1.34 -5.61
N GLY A 20 -15.18 -2.42 -5.54
CA GLY A 20 -15.05 -3.35 -4.43
C GLY A 20 -15.87 -2.79 -3.29
N ASN A 21 -15.22 -2.51 -2.17
CA ASN A 21 -15.91 -1.96 -1.01
C ASN A 21 -17.21 -2.67 -0.72
N PHE A 22 -18.26 -2.23 -1.39
CA PHE A 22 -19.62 -2.75 -1.23
C PHE A 22 -20.34 -1.78 -0.29
N GLY A 23 -19.96 -0.52 -0.39
CA GLY A 23 -20.56 0.50 0.46
C GLY A 23 -19.64 1.01 1.55
N GLU A 24 -18.48 0.40 1.68
CA GLU A 24 -17.54 0.79 2.74
C GLU A 24 -16.77 2.10 2.47
N LEU A 25 -16.66 2.55 1.22
CA LEU A 25 -15.97 3.81 1.00
C LEU A 25 -16.90 4.79 0.30
N ARG A 26 -17.05 5.95 0.92
CA ARG A 26 -17.95 6.96 0.40
C ARG A 26 -17.33 8.33 0.26
N LEU A 27 -17.82 9.10 -0.71
CA LEU A 27 -17.33 10.45 -0.87
C LEU A 27 -18.03 11.24 0.24
N GLY A 28 -17.35 12.24 0.76
CA GLY A 28 -17.96 13.02 1.81
C GLY A 28 -17.61 14.48 1.62
N LYS A 29 -18.32 15.33 2.33
CA LYS A 29 -18.05 16.75 2.24
C LYS A 29 -18.02 17.37 3.63
N ASN A 30 -17.01 18.19 3.87
CA ASN A 30 -16.91 18.90 5.13
C ASN A 30 -17.71 20.16 4.85
N LEU A 31 -18.92 20.22 5.40
CA LEU A 31 -19.80 21.36 5.21
C LEU A 31 -19.25 22.67 5.78
N TYR A 32 -18.41 22.58 6.80
CA TYR A 32 -17.85 23.76 7.42
C TYR A 32 -16.74 24.41 6.60
N THR A 33 -16.02 23.58 5.83
CA THR A 33 -14.90 24.06 5.03
C THR A 33 -15.18 24.01 3.55
N ASN A 34 -16.24 23.33 3.16
CA ASN A 34 -16.59 23.22 1.75
C ASN A 34 -15.50 22.43 1.03
N GLU A 35 -15.04 21.36 1.67
CA GLU A 35 -14.01 20.50 1.11
C GLU A 35 -14.52 19.05 1.04
N TYR A 36 -14.07 18.31 0.04
CA TYR A 36 -14.48 16.93 -0.06
C TYR A 36 -13.50 16.07 0.71
N VAL A 37 -13.99 14.93 1.18
CA VAL A 37 -13.18 14.01 1.96
C VAL A 37 -13.59 12.60 1.61
N ALA A 38 -12.82 11.64 2.12
CA ALA A 38 -13.13 10.24 1.91
C ALA A 38 -13.66 9.73 3.25
N ILE A 39 -14.70 8.90 3.21
CA ILE A 39 -15.25 8.37 4.45
C ILE A 39 -15.28 6.85 4.41
N LYS A 40 -14.53 6.24 5.32
CA LYS A 40 -14.45 4.79 5.41
C LYS A 40 -15.49 4.33 6.43
N LEU A 41 -16.35 3.41 6.03
CA LEU A 41 -17.40 2.93 6.94
C LEU A 41 -17.25 1.46 7.31
N GLU A 42 -17.58 1.14 8.55
CA GLU A 42 -17.53 -0.24 9.03
C GLU A 42 -18.79 -0.53 9.84
N PRO A 43 -19.57 -1.53 9.43
CA PRO A 43 -20.78 -1.83 10.19
C PRO A 43 -20.44 -2.14 11.66
N MET A 44 -21.17 -1.52 12.59
CA MET A 44 -20.91 -1.75 14.01
C MET A 44 -21.12 -3.21 14.34
N LYS A 45 -21.76 -3.92 13.41
CA LYS A 45 -22.09 -5.33 13.54
C LYS A 45 -20.95 -6.20 13.00
N SER A 46 -19.83 -5.57 12.65
CA SER A 46 -18.72 -6.33 12.08
C SER A 46 -18.20 -7.46 12.94
N ARG A 47 -17.82 -8.53 12.25
CA ARG A 47 -17.28 -9.74 12.87
C ARG A 47 -15.81 -9.52 13.15
N ALA A 48 -15.14 -8.85 12.21
CA ALA A 48 -13.72 -8.58 12.31
C ALA A 48 -13.48 -7.08 12.22
N PRO A 49 -13.59 -6.37 13.35
CA PRO A 49 -13.38 -4.92 13.34
C PRO A 49 -11.94 -4.59 12.97
N GLN A 50 -11.74 -3.46 12.33
CA GLN A 50 -10.40 -3.01 11.96
C GLN A 50 -10.36 -1.49 11.98
N LEU A 51 -11.49 -0.87 11.64
CA LEU A 51 -11.57 0.57 11.54
C LEU A 51 -10.99 1.40 12.69
N HIS A 52 -11.48 1.16 13.88
CA HIS A 52 -11.01 1.91 15.03
C HIS A 52 -9.49 1.83 15.29
N LEU A 53 -8.88 0.67 15.21
CA LEU A 53 -7.46 0.68 15.45
C LEU A 53 -6.63 1.06 14.22
N GLU A 54 -7.29 1.10 13.07
CA GLU A 54 -6.60 1.53 11.86
C GLU A 54 -6.48 3.04 12.08
N TYR A 55 -7.56 3.59 12.61
CA TYR A 55 -7.62 5.01 12.91
C TYR A 55 -6.48 5.31 13.87
N ARG A 56 -6.34 4.47 14.88
CA ARG A 56 -5.27 4.62 15.84
C ARG A 56 -3.92 4.54 15.11
N PHE A 57 -3.78 3.62 14.15
CA PHE A 57 -2.57 3.53 13.35
C PHE A 57 -2.41 4.85 12.58
N TYR A 58 -3.51 5.45 12.12
CA TYR A 58 -3.35 6.63 11.32
C TYR A 58 -2.81 7.73 12.27
N LYS A 59 -3.27 7.64 13.52
CA LYS A 59 -2.84 8.69 14.49
C LYS A 59 -1.34 8.49 14.78
N GLN A 60 -0.97 7.24 15.02
CA GLN A 60 0.39 6.91 15.36
C GLN A 60 1.32 7.34 14.25
N LEU A 61 0.83 7.24 13.04
CA LEU A 61 1.68 7.55 11.92
C LEU A 61 1.81 9.06 11.95
N GLY A 62 0.87 9.66 12.65
CA GLY A 62 0.88 11.12 12.79
C GLY A 62 0.84 11.80 11.44
N SER A 63 1.12 13.09 11.39
CA SER A 63 1.10 13.83 10.12
C SER A 63 2.37 13.44 9.44
N GLY A 64 2.30 12.94 8.21
CA GLY A 64 3.52 12.54 7.51
C GLY A 64 3.39 12.63 5.99
N ASP A 65 4.54 12.73 5.33
CA ASP A 65 4.61 12.84 3.87
C ASP A 65 4.02 11.59 3.24
N GLY A 66 3.03 11.78 2.39
CA GLY A 66 2.40 10.64 1.73
C GLY A 66 1.43 9.90 2.62
N ILE A 67 1.15 10.42 3.81
CA ILE A 67 0.19 9.76 4.69
C ILE A 67 -1.09 10.59 4.68
N PRO A 68 -2.21 9.98 4.28
CA PRO A 68 -3.44 10.77 4.26
C PRO A 68 -3.81 11.27 5.63
N GLN A 69 -4.29 12.51 5.68
CA GLN A 69 -4.68 13.17 6.91
C GLN A 69 -6.02 12.56 7.37
N VAL A 70 -6.14 12.31 8.68
CA VAL A 70 -7.36 11.76 9.26
C VAL A 70 -8.07 12.86 10.04
N TYR A 71 -9.36 13.06 9.78
CA TYR A 71 -10.09 14.13 10.42
C TYR A 71 -11.06 13.72 11.51
N TYR A 72 -11.63 12.53 11.38
CA TYR A 72 -12.62 12.12 12.34
C TYR A 72 -12.89 10.63 12.40
N PHE A 73 -13.26 10.17 13.58
CA PHE A 73 -13.63 8.79 13.79
C PHE A 73 -14.87 8.81 14.69
N GLY A 74 -15.99 8.33 14.17
CA GLY A 74 -17.19 8.35 14.98
C GLY A 74 -18.34 7.52 14.43
N PRO A 75 -19.40 7.36 15.24
CA PRO A 75 -20.57 6.59 14.82
C PRO A 75 -21.39 7.30 13.76
N CYS A 76 -21.92 6.54 12.82
CA CYS A 76 -22.72 7.06 11.72
C CYS A 76 -23.81 6.04 11.45
N GLY A 77 -25.00 6.26 11.99
CA GLY A 77 -26.06 5.31 11.81
C GLY A 77 -25.55 4.04 12.43
N LYS A 78 -25.65 2.92 11.71
CA LYS A 78 -25.16 1.66 12.23
C LYS A 78 -23.73 1.33 11.79
N TYR A 79 -22.96 2.36 11.45
CA TYR A 79 -21.56 2.16 11.07
C TYR A 79 -20.68 3.02 11.95
N ASN A 80 -19.41 2.62 12.00
CA ASN A 80 -18.41 3.44 12.66
C ASN A 80 -17.78 4.06 11.42
N ALA A 81 -17.48 5.35 11.47
CA ALA A 81 -16.90 5.99 10.30
C ALA A 81 -15.59 6.69 10.59
N MET A 82 -14.71 6.66 9.59
CA MET A 82 -13.43 7.33 9.68
C MET A 82 -13.35 8.29 8.48
N VAL A 83 -13.25 9.57 8.79
CA VAL A 83 -13.16 10.62 7.77
C VAL A 83 -11.70 10.98 7.58
N LEU A 84 -11.26 10.93 6.33
CA LEU A 84 -9.89 11.29 6.00
C LEU A 84 -9.79 12.04 4.69
N GLU A 85 -8.60 12.55 4.43
CA GLU A 85 -8.31 13.29 3.23
C GLU A 85 -8.64 12.49 1.96
N LEU A 86 -9.34 13.14 1.03
CA LEU A 86 -9.67 12.49 -0.24
C LEU A 86 -8.40 12.53 -1.11
N LEU A 87 -8.06 11.40 -1.72
CA LEU A 87 -6.90 11.31 -2.59
C LEU A 87 -7.39 11.00 -4.01
N GLY A 88 -6.48 10.69 -4.92
CA GLY A 88 -6.86 10.36 -6.28
C GLY A 88 -6.88 8.88 -6.53
N PRO A 89 -6.76 8.44 -7.80
CA PRO A 89 -6.76 7.01 -8.15
C PRO A 89 -5.53 6.24 -7.64
N SER A 90 -5.65 4.92 -7.59
CA SER A 90 -4.54 4.07 -7.13
C SER A 90 -3.56 3.73 -8.26
N LEU A 91 -2.43 3.15 -7.90
CA LEU A 91 -1.45 2.75 -8.88
C LEU A 91 -2.04 1.68 -9.79
N GLU A 92 -2.97 0.89 -9.26
CA GLU A 92 -3.61 -0.15 -10.05
C GLU A 92 -4.51 0.49 -11.12
N ASP A 93 -5.23 1.54 -10.73
CA ASP A 93 -6.12 2.23 -11.67
C ASP A 93 -5.25 2.83 -12.76
N LEU A 94 -4.17 3.47 -12.34
CA LEU A 94 -3.27 4.12 -13.26
C LEU A 94 -2.59 3.10 -14.18
N PHE A 95 -2.24 1.95 -13.62
CA PHE A 95 -1.60 0.88 -14.38
C PHE A 95 -2.51 0.47 -15.54
N ASP A 96 -3.79 0.23 -15.24
CA ASP A 96 -4.77 -0.13 -16.27
C ASP A 96 -4.83 0.98 -17.31
N LEU A 97 -4.92 2.20 -16.82
CA LEU A 97 -4.99 3.36 -17.71
C LEU A 97 -3.78 3.38 -18.65
N CYS A 98 -2.63 2.89 -18.17
CA CYS A 98 -1.42 2.87 -18.97
C CYS A 98 -1.15 1.51 -19.62
N ASP A 99 -2.23 0.79 -19.88
CA ASP A 99 -2.17 -0.51 -20.54
C ASP A 99 -1.33 -1.56 -19.82
N ARG A 100 -1.40 -1.54 -18.49
CA ARG A 100 -0.71 -2.49 -17.64
C ARG A 100 0.78 -2.70 -17.84
N THR A 101 1.51 -1.59 -17.85
CA THR A 101 2.95 -1.58 -17.93
C THR A 101 3.45 -0.16 -17.71
N PHE A 102 4.37 0.02 -16.77
CA PHE A 102 4.91 1.34 -16.51
C PHE A 102 6.34 1.40 -17.02
N SER A 103 6.77 2.56 -17.49
CA SER A 103 8.15 2.73 -17.94
C SER A 103 9.06 2.65 -16.71
N LEU A 104 10.33 2.36 -16.93
CA LEU A 104 11.29 2.28 -15.84
C LEU A 104 11.38 3.60 -15.07
N LYS A 105 11.28 4.70 -15.78
CA LYS A 105 11.38 5.99 -15.12
C LYS A 105 10.24 6.19 -14.13
N THR A 106 9.03 5.75 -14.53
CA THR A 106 7.87 5.86 -13.67
C THR A 106 7.99 4.93 -12.47
N VAL A 107 8.42 3.69 -12.71
CA VAL A 107 8.59 2.72 -11.64
C VAL A 107 9.63 3.20 -10.62
N LEU A 108 10.72 3.78 -11.11
CA LEU A 108 11.77 4.27 -10.23
C LEU A 108 11.29 5.48 -9.42
N MET A 109 10.51 6.37 -10.03
CA MET A 109 10.01 7.52 -9.27
C MET A 109 9.08 6.99 -8.20
N ILE A 110 8.36 5.91 -8.51
CA ILE A 110 7.45 5.30 -7.58
C ILE A 110 8.25 4.59 -6.47
N ALA A 111 9.21 3.76 -6.88
CA ALA A 111 10.02 2.99 -5.94
C ALA A 111 10.76 3.86 -4.94
N ILE A 112 11.37 4.93 -5.41
CA ILE A 112 12.12 5.85 -4.55
C ILE A 112 11.20 6.44 -3.49
N GLN A 113 9.99 6.78 -3.88
CA GLN A 113 9.04 7.34 -2.93
C GLN A 113 8.52 6.30 -1.94
N LEU A 114 8.23 5.10 -2.42
CA LEU A 114 7.70 4.06 -1.55
C LEU A 114 8.69 3.49 -0.54
N ILE A 115 9.97 3.49 -0.88
CA ILE A 115 10.97 3.01 0.05
C ILE A 115 10.98 3.99 1.24
N SER A 116 10.88 5.27 0.90
CA SER A 116 10.86 6.33 1.90
C SER A 116 9.55 6.26 2.67
N ARG A 117 8.48 5.90 1.96
CA ARG A 117 7.17 5.80 2.57
C ARG A 117 7.17 4.67 3.62
N MET A 118 7.74 3.54 3.24
CA MET A 118 7.82 2.38 4.10
C MET A 118 8.80 2.61 5.25
N GLU A 119 9.88 3.33 4.98
CA GLU A 119 10.86 3.63 6.02
C GLU A 119 10.17 4.50 7.07
N TYR A 120 9.31 5.41 6.62
CA TYR A 120 8.57 6.28 7.54
C TYR A 120 7.65 5.44 8.43
N VAL A 121 6.87 4.56 7.81
CA VAL A 121 5.97 3.69 8.57
C VAL A 121 6.76 2.92 9.61
N HIS A 122 7.88 2.34 9.17
CA HIS A 122 8.75 1.57 10.03
C HIS A 122 9.36 2.42 11.16
N SER A 123 9.56 3.71 10.91
CA SER A 123 10.15 4.58 11.91
C SER A 123 9.13 4.86 13.02
N LYS A 124 7.88 4.52 12.74
CA LYS A 124 6.82 4.72 13.73
C LYS A 124 6.49 3.40 14.40
N ASN A 125 7.41 2.44 14.25
CA ASN A 125 7.28 1.11 14.85
C ASN A 125 6.17 0.24 14.28
N LEU A 126 5.79 0.52 13.05
CA LEU A 126 4.75 -0.25 12.40
C LEU A 126 5.25 -0.93 11.13
N ILE A 127 4.70 -2.11 10.87
CA ILE A 127 5.00 -2.81 9.64
C ILE A 127 3.64 -2.83 8.93
N TYR A 128 3.67 -2.54 7.63
CA TYR A 128 2.46 -2.45 6.82
C TYR A 128 1.71 -3.75 6.56
N ARG A 129 2.38 -4.70 5.94
CA ARG A 129 1.82 -6.03 5.64
C ARG A 129 0.68 -6.12 4.62
N ASP A 130 0.44 -5.06 3.84
CA ASP A 130 -0.61 -5.09 2.85
C ASP A 130 -0.23 -4.41 1.52
N VAL A 131 1.01 -4.63 1.09
CA VAL A 131 1.51 -4.05 -0.16
C VAL A 131 0.77 -4.56 -1.40
N LYS A 132 0.33 -3.60 -2.22
CA LYS A 132 -0.37 -3.89 -3.46
C LYS A 132 -0.68 -2.57 -4.14
N PRO A 133 -0.74 -2.55 -5.48
CA PRO A 133 -1.02 -1.35 -6.27
C PRO A 133 -2.27 -0.58 -5.80
N GLU A 134 -3.28 -1.32 -5.35
CA GLU A 134 -4.54 -0.71 -4.89
C GLU A 134 -4.43 0.16 -3.63
N ASN A 135 -3.40 -0.05 -2.82
CA ASN A 135 -3.24 0.73 -1.60
C ASN A 135 -2.26 1.90 -1.72
N PHE A 136 -1.90 2.25 -2.94
CA PHE A 136 -1.00 3.37 -3.15
C PHE A 136 -1.73 4.32 -4.09
N LEU A 137 -2.06 5.50 -3.57
CA LEU A 137 -2.82 6.47 -4.33
C LEU A 137 -2.09 7.79 -4.54
N ILE A 138 -2.31 8.41 -5.72
CA ILE A 138 -1.72 9.70 -5.99
C ILE A 138 -2.68 10.72 -5.36
N GLY A 139 -2.24 11.97 -5.31
CA GLY A 139 -3.07 13.01 -4.75
C GLY A 139 -4.14 13.45 -5.72
N ARG A 140 -4.79 14.56 -5.40
CA ARG A 140 -5.85 15.07 -6.23
C ARG A 140 -5.43 16.21 -7.13
N PRO A 141 -6.00 16.28 -8.34
CA PRO A 141 -5.66 17.35 -9.28
C PRO A 141 -5.85 18.70 -8.63
N GLY A 142 -4.74 19.29 -8.17
CA GLY A 142 -4.82 20.60 -7.54
C GLY A 142 -4.45 20.70 -6.07
N ASN A 143 -4.91 19.77 -5.24
CA ASN A 143 -4.60 19.82 -3.81
C ASN A 143 -3.12 19.51 -3.61
N LYS A 144 -2.32 20.12 -4.50
CA LYS A 144 -0.86 20.06 -4.61
C LYS A 144 -0.06 18.83 -4.18
N THR A 145 -0.74 17.72 -4.01
CA THR A 145 -0.04 16.51 -3.63
C THR A 145 -0.42 15.44 -4.62
N GLN A 146 -0.97 15.86 -5.76
CA GLN A 146 -1.39 14.90 -6.78
C GLN A 146 -0.28 14.04 -7.31
N GLN A 147 0.95 14.55 -7.28
CA GLN A 147 2.09 13.78 -7.77
C GLN A 147 2.73 12.92 -6.66
N VAL A 148 2.30 13.14 -5.42
CA VAL A 148 2.83 12.36 -4.29
C VAL A 148 2.11 11.02 -4.18
N ILE A 149 2.88 9.94 -4.11
CA ILE A 149 2.28 8.63 -3.98
C ILE A 149 1.96 8.45 -2.49
N HIS A 150 0.69 8.23 -2.19
CA HIS A 150 0.27 8.02 -0.81
C HIS A 150 0.07 6.55 -0.50
N ILE A 151 0.11 6.22 0.79
CA ILE A 151 -0.11 4.86 1.25
C ILE A 151 -1.40 4.86 2.07
N ILE A 152 -2.33 3.96 1.77
CA ILE A 152 -3.60 3.87 2.51
C ILE A 152 -3.90 2.47 3.01
N ASP A 153 -4.97 2.37 3.82
CA ASP A 153 -5.45 1.13 4.42
C ASP A 153 -4.44 0.44 5.30
N PHE A 154 -4.43 0.81 6.58
CA PHE A 154 -3.52 0.22 7.54
C PHE A 154 -4.22 -0.80 8.42
N GLY A 155 -5.25 -1.42 7.85
CA GLY A 155 -6.00 -2.43 8.56
C GLY A 155 -5.24 -3.68 8.97
N LEU A 156 -4.25 -4.09 8.17
CA LEU A 156 -3.42 -5.25 8.46
C LEU A 156 -2.09 -4.86 9.12
N ALA A 157 -1.95 -3.59 9.50
CA ALA A 157 -0.72 -3.14 10.13
C ALA A 157 -0.48 -3.78 11.51
N LYS A 158 0.76 -3.72 11.99
CA LYS A 158 1.11 -4.31 13.27
C LYS A 158 2.32 -3.60 13.84
N GLU A 159 2.37 -3.50 15.15
CA GLU A 159 3.46 -2.85 15.84
C GLU A 159 4.54 -3.92 15.98
N TYR A 160 5.69 -3.74 15.32
CA TYR A 160 6.76 -4.72 15.38
C TYR A 160 7.74 -4.46 16.51
N ILE A 161 7.54 -3.35 17.22
CA ILE A 161 8.35 -3.01 18.38
C ILE A 161 7.38 -2.96 19.56
N ASP A 162 7.52 -3.88 20.49
CA ASP A 162 6.62 -3.90 21.65
C ASP A 162 6.78 -2.57 22.37
N PRO A 163 5.67 -1.83 22.52
CA PRO A 163 5.67 -0.51 23.18
C PRO A 163 6.21 -0.44 24.60
N GLU A 164 6.04 -1.53 25.36
CA GLU A 164 6.53 -1.54 26.73
C GLU A 164 7.96 -2.04 26.81
N THR A 165 8.21 -3.26 26.31
CA THR A 165 9.56 -3.82 26.34
C THR A 165 10.54 -3.06 25.45
N LYS A 166 10.03 -2.49 24.36
CA LYS A 166 10.88 -1.76 23.42
C LYS A 166 11.72 -2.78 22.64
N LYS A 167 11.22 -4.02 22.56
CA LYS A 167 11.91 -5.08 21.85
C LYS A 167 11.18 -5.38 20.55
N HIS A 168 11.92 -5.89 19.58
CA HIS A 168 11.35 -6.26 18.29
C HIS A 168 10.43 -7.43 18.61
N ILE A 169 9.35 -7.60 17.87
CA ILE A 169 8.48 -8.74 18.16
C ILE A 169 9.25 -10.02 17.93
N PRO A 170 8.93 -11.07 18.69
CA PRO A 170 9.61 -12.36 18.57
C PRO A 170 9.33 -13.10 17.27
N TYR A 171 10.32 -13.86 16.82
CA TYR A 171 10.15 -14.64 15.61
C TYR A 171 9.21 -15.79 15.93
N ARG A 172 8.42 -16.19 14.95
CA ARG A 172 7.50 -17.31 15.11
C ARG A 172 6.93 -17.70 13.76
N GLU A 173 6.33 -18.88 13.70
CA GLU A 173 5.76 -19.36 12.47
C GLU A 173 4.30 -19.73 12.69
N HIS A 174 3.70 -20.41 11.71
CA HIS A 174 2.30 -20.81 11.77
C HIS A 174 1.32 -19.64 11.77
N LYS A 175 1.68 -18.56 11.11
CA LYS A 175 0.77 -17.41 10.99
C LYS A 175 -0.13 -17.81 9.84
N SER A 176 -1.43 -17.58 9.96
CA SER A 176 -2.32 -17.95 8.88
C SER A 176 -2.16 -16.94 7.74
N LEU A 177 -2.34 -17.41 6.51
CA LEU A 177 -2.21 -16.56 5.34
C LEU A 177 -3.52 -15.88 5.02
N THR A 178 -3.47 -14.55 4.88
CA THR A 178 -4.66 -13.75 4.55
C THR A 178 -4.34 -12.67 3.49
N GLY A 179 -3.17 -12.06 3.59
CA GLY A 179 -2.79 -11.02 2.65
C GLY A 179 -2.98 -11.40 1.18
N THR A 180 -2.58 -10.51 0.27
CA THR A 180 -2.71 -10.79 -1.15
C THR A 180 -1.51 -11.60 -1.60
N ALA A 181 -1.79 -12.78 -2.11
CA ALA A 181 -0.76 -13.71 -2.54
C ALA A 181 0.24 -13.23 -3.59
N ARG A 182 -0.24 -12.52 -4.61
CA ARG A 182 0.61 -12.07 -5.70
C ARG A 182 1.88 -11.31 -5.35
N TYR A 183 1.83 -10.47 -4.33
CA TYR A 183 3.00 -9.69 -3.96
C TYR A 183 3.73 -10.12 -2.69
N MET A 184 3.11 -10.94 -1.86
CA MET A 184 3.74 -11.34 -0.61
C MET A 184 5.12 -12.01 -0.67
N SER A 185 5.94 -11.71 0.33
CA SER A 185 7.28 -12.28 0.41
C SER A 185 7.24 -13.81 0.50
N ILE A 186 8.33 -14.44 0.11
CA ILE A 186 8.39 -15.89 0.16
C ILE A 186 8.22 -16.37 1.60
N ASN A 187 8.84 -15.67 2.54
CA ASN A 187 8.70 -16.06 3.92
C ASN A 187 7.26 -15.95 4.41
N THR A 188 6.52 -14.98 3.90
CA THR A 188 5.12 -14.85 4.30
C THR A 188 4.40 -16.13 3.89
N HIS A 189 4.76 -16.66 2.72
CA HIS A 189 4.16 -17.90 2.21
C HIS A 189 4.47 -19.07 3.15
N LEU A 190 5.63 -19.01 3.79
CA LEU A 190 6.05 -20.06 4.71
C LEU A 190 5.40 -19.99 6.09
N GLY A 191 4.49 -19.04 6.28
CA GLY A 191 3.83 -18.91 7.58
C GLY A 191 4.66 -18.27 8.69
N LYS A 192 5.71 -17.54 8.30
CA LYS A 192 6.56 -16.87 9.28
C LYS A 192 6.02 -15.50 9.61
N GLU A 193 6.33 -15.04 10.82
CA GLU A 193 5.89 -13.73 11.26
C GLU A 193 6.51 -12.72 10.30
N GLN A 194 5.74 -11.71 9.93
CA GLN A 194 6.23 -10.68 9.03
C GLN A 194 6.96 -9.59 9.81
N SER A 195 7.97 -9.00 9.17
CA SER A 195 8.73 -7.92 9.76
C SER A 195 9.04 -6.91 8.67
N ARG A 196 9.92 -5.96 8.96
CA ARG A 196 10.28 -4.93 8.00
C ARG A 196 10.68 -5.44 6.60
N ARG A 197 11.55 -6.44 6.55
CA ARG A 197 11.99 -7.00 5.29
C ARG A 197 10.82 -7.37 4.38
N ASP A 198 9.79 -7.97 4.95
CA ASP A 198 8.64 -8.40 4.18
C ASP A 198 7.89 -7.29 3.47
N ASP A 199 7.83 -6.10 4.06
CA ASP A 199 7.16 -5.00 3.40
C ASP A 199 8.00 -4.65 2.16
N LEU A 200 9.32 -4.61 2.34
CA LEU A 200 10.24 -4.27 1.27
C LEU A 200 10.29 -5.30 0.13
N GLU A 201 10.12 -6.58 0.45
CA GLU A 201 10.13 -7.59 -0.59
C GLU A 201 8.84 -7.51 -1.40
N ALA A 202 7.73 -7.24 -0.72
CA ALA A 202 6.45 -7.12 -1.40
C ALA A 202 6.53 -5.96 -2.39
N LEU A 203 7.17 -4.86 -1.97
CA LEU A 203 7.34 -3.71 -2.85
C LEU A 203 8.14 -4.13 -4.08
N GLY A 204 9.14 -4.98 -3.88
CA GLY A 204 9.95 -5.45 -4.98
C GLY A 204 9.13 -6.25 -5.98
N HIS A 205 8.27 -7.12 -5.47
CA HIS A 205 7.42 -7.92 -6.32
C HIS A 205 6.49 -7.02 -7.12
N MET A 206 6.03 -5.95 -6.47
CA MET A 206 5.13 -5.01 -7.13
C MET A 206 5.88 -4.22 -8.19
N PHE A 207 7.12 -3.83 -7.91
CA PHE A 207 7.91 -3.07 -8.89
C PHE A 207 8.11 -3.90 -10.17
N MET A 208 8.39 -5.20 -10.00
CA MET A 208 8.59 -6.09 -11.13
C MET A 208 7.29 -6.33 -11.87
N TYR A 209 6.19 -6.32 -11.11
CA TYR A 209 4.87 -6.50 -11.68
C TYR A 209 4.60 -5.33 -12.63
N PHE A 210 4.94 -4.11 -12.18
CA PHE A 210 4.76 -2.91 -13.01
C PHE A 210 5.66 -2.92 -14.24
N LEU A 211 6.91 -3.34 -14.07
CA LEU A 211 7.86 -3.36 -15.17
C LEU A 211 7.61 -4.45 -16.22
N ARG A 212 7.19 -5.63 -15.77
CA ARG A 212 6.94 -6.73 -16.70
C ARG A 212 5.53 -6.70 -17.29
N GLY A 213 4.58 -6.23 -16.50
CA GLY A 213 3.21 -6.20 -16.97
C GLY A 213 2.44 -7.25 -16.18
N SER A 214 3.19 -8.21 -15.64
CA SER A 214 2.59 -9.29 -14.84
C SER A 214 3.70 -10.06 -14.12
N LEU A 215 3.31 -10.93 -13.20
CA LEU A 215 4.26 -11.76 -12.48
C LEU A 215 4.00 -13.20 -12.92
N PRO A 216 5.04 -14.05 -12.96
CA PRO A 216 4.94 -15.46 -13.37
C PRO A 216 4.16 -16.46 -12.51
N TRP A 217 3.63 -16.01 -11.38
CA TRP A 217 2.86 -16.89 -10.48
C TRP A 217 1.44 -16.35 -10.41
N GLN A 218 1.22 -15.30 -11.19
CA GLN A 218 -0.03 -14.59 -11.25
C GLN A 218 -1.32 -15.35 -11.61
N GLY A 219 -1.25 -16.31 -12.52
CA GLY A 219 -2.48 -17.02 -12.87
C GLY A 219 -2.74 -18.34 -12.16
N LEU A 220 -2.02 -18.61 -11.07
CA LEU A 220 -2.18 -19.87 -10.35
C LEU A 220 -3.50 -19.98 -9.56
N LYS A 221 -4.23 -21.07 -9.82
CA LYS A 221 -5.50 -21.32 -9.15
C LYS A 221 -5.42 -22.65 -8.41
N ALA A 222 -6.30 -22.86 -7.43
CA ALA A 222 -6.31 -24.10 -6.67
C ALA A 222 -7.67 -24.35 -6.02
N ASP A 223 -7.85 -25.52 -5.42
CA ASP A 223 -9.12 -25.85 -4.77
C ASP A 223 -9.31 -25.28 -3.37
N THR A 224 -8.25 -24.72 -2.80
CA THR A 224 -8.33 -24.13 -1.48
C THR A 224 -7.33 -23.00 -1.42
N LEU A 225 -7.71 -21.90 -0.77
CA LEU A 225 -6.82 -20.75 -0.66
C LEU A 225 -5.45 -21.22 -0.24
N LYS A 226 -5.41 -22.07 0.78
CA LYS A 226 -4.15 -22.59 1.28
C LYS A 226 -3.31 -23.21 0.15
N GLU A 227 -3.96 -24.00 -0.70
CA GLU A 227 -3.28 -24.63 -1.82
C GLU A 227 -2.82 -23.59 -2.84
N ARG A 228 -3.65 -22.61 -3.12
CA ARG A 228 -3.27 -21.58 -4.07
C ARG A 228 -2.01 -20.93 -3.49
N TYR A 229 -2.11 -20.45 -2.24
CA TYR A 229 -0.97 -19.83 -1.57
C TYR A 229 0.28 -20.69 -1.72
N GLN A 230 0.13 -22.00 -1.50
CA GLN A 230 1.26 -22.92 -1.61
C GLN A 230 1.85 -23.00 -3.03
N LYS A 231 0.98 -22.98 -4.04
CA LYS A 231 1.46 -23.01 -5.43
C LYS A 231 2.20 -21.74 -5.79
N ILE A 232 1.60 -20.60 -5.45
CA ILE A 232 2.22 -19.32 -5.73
C ILE A 232 3.59 -19.28 -5.06
N GLY A 233 3.63 -19.67 -3.79
CA GLY A 233 4.88 -19.70 -3.05
C GLY A 233 5.92 -20.60 -3.71
N ASP A 234 5.48 -21.75 -4.19
CA ASP A 234 6.39 -22.68 -4.85
C ASP A 234 6.98 -22.10 -6.12
N THR A 235 6.15 -21.41 -6.89
CA THR A 235 6.59 -20.78 -8.13
C THR A 235 7.54 -19.60 -7.86
N LYS A 236 7.31 -18.88 -6.77
CA LYS A 236 8.18 -17.74 -6.43
C LYS A 236 9.55 -18.31 -6.07
N ARG A 237 9.56 -19.39 -5.31
CA ARG A 237 10.83 -20.02 -4.91
C ARG A 237 11.47 -20.68 -6.10
N ALA A 238 10.66 -21.10 -7.06
CA ALA A 238 11.13 -21.76 -8.26
C ALA A 238 11.51 -20.81 -9.41
N THR A 239 11.30 -19.51 -9.21
CA THR A 239 11.67 -18.53 -10.24
C THR A 239 12.90 -17.79 -9.77
N PRO A 240 14.03 -17.96 -10.48
CA PRO A 240 15.26 -17.26 -10.09
C PRO A 240 15.16 -15.75 -10.24
N ILE A 241 15.63 -15.02 -9.24
CA ILE A 241 15.61 -13.56 -9.29
C ILE A 241 16.15 -13.06 -10.63
N GLU A 242 17.27 -13.64 -11.07
CA GLU A 242 17.90 -13.26 -12.34
C GLU A 242 16.93 -13.42 -13.51
N VAL A 243 16.00 -14.35 -13.39
CA VAL A 243 15.03 -14.58 -14.46
C VAL A 243 13.86 -13.64 -14.31
N LEU A 244 13.38 -13.50 -13.08
CA LEU A 244 12.26 -12.60 -12.80
C LEU A 244 12.62 -11.17 -13.15
N CYS A 245 13.84 -10.77 -12.80
CA CYS A 245 14.29 -9.42 -13.08
C CYS A 245 15.16 -9.29 -14.34
N GLU A 246 15.02 -10.16 -15.33
CA GLU A 246 15.88 -10.01 -16.48
C GLU A 246 15.68 -8.64 -17.12
N ASN A 247 16.81 -7.99 -17.40
CA ASN A 247 16.87 -6.65 -17.99
C ASN A 247 16.83 -5.56 -16.95
N PHE A 248 16.65 -5.94 -15.69
CA PHE A 248 16.62 -4.94 -14.61
C PHE A 248 17.53 -5.38 -13.47
N PRO A 249 18.86 -5.26 -13.67
CA PRO A 249 19.91 -5.61 -12.71
C PRO A 249 19.72 -4.99 -11.33
N GLU A 250 19.35 -3.71 -11.29
CA GLU A 250 19.12 -3.04 -10.01
C GLU A 250 17.98 -3.71 -9.23
N MET A 251 16.92 -4.06 -9.95
CA MET A 251 15.78 -4.72 -9.32
C MET A 251 16.19 -6.07 -8.75
N ALA A 252 17.06 -6.79 -9.46
CA ALA A 252 17.53 -8.07 -8.98
C ALA A 252 18.34 -7.88 -7.70
N THR A 253 19.16 -6.84 -7.68
CA THR A 253 19.98 -6.54 -6.52
C THR A 253 19.09 -6.14 -5.33
N TYR A 254 18.08 -5.32 -5.61
CA TYR A 254 17.16 -4.88 -4.57
C TYR A 254 16.48 -6.11 -3.96
N LEU A 255 15.88 -6.91 -4.83
CA LEU A 255 15.16 -8.10 -4.43
C LEU A 255 15.93 -9.15 -3.64
N ARG A 256 17.15 -9.46 -4.04
CA ARG A 256 17.86 -10.48 -3.29
C ARG A 256 18.45 -9.92 -2.00
N TYR A 257 18.59 -8.60 -1.94
CA TYR A 257 19.07 -7.97 -0.72
C TYR A 257 17.96 -8.14 0.32
N VAL A 258 16.74 -7.74 -0.04
CA VAL A 258 15.64 -7.84 0.91
C VAL A 258 15.29 -9.27 1.25
N ARG A 259 15.37 -10.17 0.26
CA ARG A 259 15.06 -11.59 0.49
C ARG A 259 16.03 -12.18 1.51
N ARG A 260 17.25 -11.65 1.54
CA ARG A 260 18.26 -12.15 2.46
C ARG A 260 18.33 -11.44 3.80
N LEU A 261 17.44 -10.48 4.03
CA LEU A 261 17.44 -9.76 5.28
C LEU A 261 17.02 -10.68 6.41
N ASP A 262 17.66 -10.49 7.56
CA ASP A 262 17.35 -11.26 8.76
C ASP A 262 16.00 -10.76 9.30
N PHE A 263 15.28 -11.61 10.02
CA PHE A 263 13.97 -11.25 10.59
C PHE A 263 13.93 -9.98 11.44
N PHE A 264 14.94 -9.78 12.28
CA PHE A 264 15.03 -8.62 13.18
C PHE A 264 15.75 -7.43 12.55
N GLU A 265 16.48 -7.71 11.48
CA GLU A 265 17.31 -6.72 10.79
C GLU A 265 16.66 -5.43 10.28
N LYS A 266 17.33 -4.32 10.50
CA LYS A 266 16.81 -3.04 10.02
C LYS A 266 17.30 -2.91 8.59
N PRO A 267 16.38 -2.65 7.65
CA PRO A 267 16.82 -2.52 6.26
C PRO A 267 17.66 -1.26 6.06
N ASP A 268 18.57 -1.31 5.11
CA ASP A 268 19.40 -0.15 4.80
C ASP A 268 18.62 0.57 3.71
N TYR A 269 17.69 1.41 4.11
CA TYR A 269 16.85 2.16 3.18
C TYR A 269 17.67 3.08 2.29
N ASP A 270 18.73 3.68 2.84
CA ASP A 270 19.58 4.58 2.03
C ASP A 270 20.20 3.78 0.89
N TYR A 271 20.72 2.61 1.22
CA TYR A 271 21.34 1.73 0.23
C TYR A 271 20.34 1.36 -0.88
N LEU A 272 19.11 1.03 -0.49
CA LEU A 272 18.10 0.66 -1.47
C LEU A 272 17.69 1.84 -2.36
N ARG A 273 17.54 3.01 -1.76
CA ARG A 273 17.16 4.20 -2.52
C ARG A 273 18.25 4.55 -3.52
N LYS A 274 19.52 4.41 -3.09
CA LYS A 274 20.65 4.73 -3.94
C LYS A 274 20.76 3.81 -5.16
N LEU A 275 20.41 2.54 -4.98
CA LEU A 275 20.45 1.59 -6.09
C LEU A 275 19.58 2.17 -7.19
N PHE A 276 18.47 2.77 -6.79
CA PHE A 276 17.53 3.31 -7.76
C PHE A 276 17.81 4.72 -8.23
N THR A 277 18.35 5.57 -7.36
CA THR A 277 18.65 6.93 -7.79
C THR A 277 19.90 6.92 -8.68
N ASP A 278 20.85 6.04 -8.40
CA ASP A 278 22.04 5.97 -9.23
C ASP A 278 21.60 5.53 -10.63
N LEU A 279 20.76 4.49 -10.70
CA LEU A 279 20.25 4.00 -11.96
C LEU A 279 19.50 5.11 -12.66
N PHE A 280 18.66 5.80 -11.90
CA PHE A 280 17.84 6.88 -12.42
C PHE A 280 18.72 7.92 -13.08
N ASP A 281 19.80 8.31 -12.41
CA ASP A 281 20.70 9.31 -12.95
C ASP A 281 21.44 8.76 -14.18
N ARG A 282 21.85 7.49 -14.11
CA ARG A 282 22.58 6.89 -15.20
C ARG A 282 21.78 6.83 -16.51
N LYS A 283 20.47 6.58 -16.39
CA LYS A 283 19.60 6.51 -17.56
C LYS A 283 19.35 7.89 -18.11
N GLY A 284 19.68 8.90 -17.32
CA GLY A 284 19.49 10.27 -17.76
C GLY A 284 18.10 10.79 -17.46
N TYR A 285 17.36 10.09 -16.61
CA TYR A 285 16.02 10.53 -16.25
C TYR A 285 16.08 11.73 -15.33
N MET A 286 15.02 12.51 -15.30
CA MET A 286 14.97 13.63 -14.40
C MET A 286 13.73 13.43 -13.58
N PHE A 287 13.88 13.48 -12.26
CA PHE A 287 12.76 13.28 -11.35
C PHE A 287 11.87 14.53 -11.40
N ASP A 288 10.96 14.54 -12.36
CA ASP A 288 10.06 15.68 -12.53
C ASP A 288 8.60 15.31 -12.33
N TYR A 289 8.33 14.16 -11.71
CA TYR A 289 6.97 13.69 -11.48
C TYR A 289 6.12 13.55 -12.74
N GLU A 290 6.75 13.34 -13.87
CA GLU A 290 5.97 13.16 -15.10
C GLU A 290 5.87 11.67 -15.33
N TYR A 291 4.92 11.05 -14.66
CA TYR A 291 4.67 9.61 -14.72
C TYR A 291 4.08 9.28 -16.08
N ASP A 292 3.89 8.00 -16.35
CA ASP A 292 3.34 7.60 -17.63
C ASP A 292 1.88 8.06 -17.76
N TRP A 293 1.17 8.15 -16.64
CA TRP A 293 -0.23 8.55 -16.66
C TRP A 293 -0.47 10.03 -16.87
N ILE A 294 0.60 10.83 -16.80
CA ILE A 294 0.44 12.26 -16.99
C ILE A 294 -0.08 12.57 -18.39
N GLY A 295 -1.10 13.43 -18.45
CA GLY A 295 -1.70 13.77 -19.72
C GLY A 295 -2.87 12.87 -20.09
N LYS A 296 -3.01 11.72 -19.43
CA LYS A 296 -4.11 10.82 -19.73
C LYS A 296 -5.37 11.35 -19.06
N GLN A 297 -6.48 10.64 -19.24
CA GLN A 297 -7.72 11.07 -18.61
C GLN A 297 -7.92 10.25 -17.34
N LEU A 298 -7.65 10.88 -16.21
CA LEU A 298 -7.74 10.20 -14.93
C LEU A 298 -9.15 10.09 -14.28
N PRO A 299 -9.42 8.97 -13.61
CA PRO A 299 -10.72 8.79 -12.97
C PRO A 299 -10.88 9.61 -11.70
N THR A 300 -12.13 9.82 -11.29
CA THR A 300 -12.36 10.65 -10.12
C THR A 300 -13.48 10.24 -9.21
N PRO A 301 -13.45 10.71 -7.97
CA PRO A 301 -14.54 10.35 -7.06
C PRO A 301 -15.68 11.29 -7.48
N VAL A 302 -15.50 12.58 -7.20
CA VAL A 302 -16.52 13.58 -7.57
C VAL A 302 -17.10 13.47 -8.99
#